data_9EBR
#
_entry.id   9EBR
#
_cell.length_a   83.243
_cell.length_b   83.243
_cell.length_c   66.838
_cell.angle_alpha   90.000
_cell.angle_beta   90.000
_cell.angle_gamma   120.000
#
_symmetry.space_group_name_H-M   'P 32 2 1'
#
loop_
_entity.id
_entity.type
_entity.pdbx_description
1 polymer 'Probable transcription repressor NiaR'
2 non-polymer 'FE (II) ION'
3 non-polymer 'NICOTINIC ACID'
4 non-polymer PROLINE
5 water water
#
_entity_poly.entity_id   1
_entity_poly.type   'polypeptide(L)'
_entity_poly.pdbx_seq_one_letter_code
;MHMKTVRQERLKSIVRILERSKEPVSGAQLAEELSVSRQVIVQDIAYLRSLGYNIVATPRGYVLAGGKSGVSRLVAVKHA
PEEIKEELLCVVRNGGRIVDVIVEHPVYGEIRGIIDVSSEEEVLKFVNLMEMAKTEPLLTLSGGVHLHTIEAPDEETMER
IMRELKKKGFLIEEG
;
_entity_poly.pdbx_strand_id   A
#
# COMPACT_ATOMS: atom_id res chain seq x y z
N VAL A 6 -5.90 9.32 -32.99
CA VAL A 6 -4.53 9.83 -32.95
C VAL A 6 -4.17 10.47 -31.63
N ARG A 7 -5.03 11.38 -31.17
CA ARG A 7 -4.86 11.95 -29.84
C ARG A 7 -4.98 10.86 -28.78
N GLN A 8 -5.90 9.92 -28.98
CA GLN A 8 -6.08 8.84 -28.02
C GLN A 8 -4.84 7.94 -27.95
N GLU A 9 -4.17 7.73 -29.09
CA GLU A 9 -2.97 6.89 -29.07
C GLU A 9 -1.79 7.62 -28.42
N ARG A 10 -1.68 8.93 -28.61
CA ARG A 10 -0.68 9.68 -27.86
C ARG A 10 -0.98 9.64 -26.36
N LEU A 11 -2.25 9.84 -25.98
CA LEU A 11 -2.62 9.76 -24.57
C LEU A 11 -2.24 8.41 -23.97
N LYS A 12 -2.62 7.31 -24.65
CA LYS A 12 -2.24 6.00 -24.15
C LYS A 12 -0.73 5.87 -24.04
N SER A 13 0.00 6.36 -25.03
CA SER A 13 1.45 6.19 -24.98
C SER A 13 2.08 6.99 -23.84
N ILE A 14 1.53 8.15 -23.49
CA ILE A 14 2.10 8.91 -22.40
C ILE A 14 2.02 8.11 -21.10
N VAL A 15 0.83 7.60 -20.78
CA VAL A 15 0.68 6.74 -19.61
C VAL A 15 1.68 5.58 -19.68
N ARG A 16 1.63 4.81 -20.77
CA ARG A 16 2.53 3.67 -20.95
C ARG A 16 3.97 4.01 -20.58
N ILE A 17 4.45 5.18 -21.02
CA ILE A 17 5.85 5.55 -20.75
C ILE A 17 6.08 5.78 -19.25
N LEU A 18 5.07 6.26 -18.53
CA LEU A 18 5.19 6.61 -17.11
C LEU A 18 5.10 5.41 -16.19
N GLU A 19 4.54 4.30 -16.64
CA GLU A 19 4.47 3.13 -15.77
C GLU A 19 5.75 2.31 -15.78
N ARG A 20 6.53 2.36 -16.86
CA ARG A 20 7.73 1.55 -16.97
C ARG A 20 9.02 2.34 -16.75
N SER A 21 8.96 3.67 -16.84
CA SER A 21 10.16 4.48 -16.72
C SER A 21 10.58 4.62 -15.25
N LYS A 22 11.86 4.34 -14.98
CA LYS A 22 12.39 4.25 -13.64
C LYS A 22 12.81 5.59 -13.06
N GLU A 23 12.90 6.62 -13.89
CA GLU A 23 13.22 7.99 -13.53
C GLU A 23 12.10 8.90 -13.99
N PRO A 24 11.98 10.11 -13.39
CA PRO A 24 10.99 11.07 -13.90
C PRO A 24 11.26 11.39 -15.37
N VAL A 25 10.21 11.46 -16.18
CA VAL A 25 10.37 11.69 -17.62
C VAL A 25 9.81 13.08 -17.98
N SER A 26 10.70 13.95 -18.46
CA SER A 26 10.34 15.35 -18.60
C SER A 26 9.39 15.54 -19.76
N GLY A 27 8.62 16.63 -19.69
CA GLY A 27 7.80 17.02 -20.83
C GLY A 27 8.60 17.01 -22.12
N ALA A 28 9.83 17.52 -22.07
CA ALA A 28 10.68 17.57 -23.26
C ALA A 28 10.98 16.17 -23.79
N GLN A 29 11.09 15.18 -22.90
CA GLN A 29 11.39 13.83 -23.37
C GLN A 29 10.17 13.21 -24.02
N LEU A 30 9.01 13.41 -23.43
CA LEU A 30 7.75 13.02 -24.04
C LEU A 30 7.61 13.64 -25.43
N ALA A 31 7.96 14.92 -25.58
CA ALA A 31 7.74 15.56 -26.87
C ALA A 31 8.61 14.94 -27.95
N GLU A 32 9.87 14.66 -27.61
CA GLU A 32 10.75 14.05 -28.58
C GLU A 32 10.31 12.62 -28.89
N GLU A 33 9.81 11.90 -27.89
CA GLU A 33 9.41 10.51 -28.12
C GLU A 33 8.16 10.39 -28.96
N LEU A 34 7.23 11.33 -28.82
CA LEU A 34 5.95 11.22 -29.48
C LEU A 34 5.79 12.20 -30.64
N SER A 35 6.86 12.90 -31.04
CA SER A 35 6.90 13.78 -32.21
C SER A 35 5.82 14.87 -32.16
N VAL A 36 5.48 15.34 -30.97
CA VAL A 36 4.73 16.57 -30.82
C VAL A 36 5.56 17.56 -30.02
N SER A 37 5.15 18.82 -30.07
CA SER A 37 5.76 19.84 -29.24
C SER A 37 5.52 19.53 -27.77
N ARG A 38 6.42 20.04 -26.91
CA ARG A 38 6.17 19.89 -25.49
C ARG A 38 4.95 20.69 -25.03
N GLN A 39 4.63 21.79 -25.72
CA GLN A 39 3.39 22.50 -25.42
C GLN A 39 2.17 21.59 -25.58
N VAL A 40 2.17 20.75 -26.62
CA VAL A 40 1.12 19.75 -26.78
C VAL A 40 1.15 18.76 -25.61
N ILE A 41 2.34 18.29 -25.23
CA ILE A 41 2.47 17.42 -24.08
C ILE A 41 1.82 18.06 -22.85
N VAL A 42 2.16 19.33 -22.58
CA VAL A 42 1.62 20.02 -21.41
C VAL A 42 0.11 19.99 -21.41
N GLN A 43 -0.52 20.14 -22.58
CA GLN A 43 -1.97 20.02 -22.61
C GLN A 43 -2.42 18.59 -22.33
N ASP A 44 -1.71 17.60 -22.90
CA ASP A 44 -2.12 16.23 -22.69
C ASP A 44 -2.03 15.84 -21.22
N ILE A 45 -1.04 16.37 -20.51
CA ILE A 45 -0.92 16.02 -19.10
C ILE A 45 -2.09 16.59 -18.31
N ALA A 46 -2.51 17.82 -18.62
CA ALA A 46 -3.67 18.39 -17.94
C ALA A 46 -4.95 17.64 -18.29
N TYR A 47 -5.03 17.08 -19.49
CA TYR A 47 -6.20 16.33 -19.90
C TYR A 47 -6.30 15.01 -19.14
N LEU A 48 -5.15 14.36 -18.93
CA LEU A 48 -5.12 13.05 -18.29
C LEU A 48 -5.43 13.15 -16.81
N ARG A 49 -5.02 14.25 -16.16
CA ARG A 49 -5.31 14.41 -14.74
C ARG A 49 -6.80 14.63 -14.51
N SER A 50 -7.40 15.56 -15.27
CA SER A 50 -8.85 15.71 -15.22
C SER A 50 -9.57 14.39 -15.46
N LEU A 51 -8.90 13.42 -16.08
CA LEU A 51 -9.48 12.11 -16.32
C LEU A 51 -9.38 11.17 -15.12
N GLY A 52 -8.40 11.37 -14.25
CA GLY A 52 -8.29 10.54 -13.07
C GLY A 52 -6.92 9.91 -12.88
N TYR A 53 -5.94 10.36 -13.65
CA TYR A 53 -4.56 9.94 -13.44
C TYR A 53 -3.84 10.94 -12.55
N ASN A 54 -2.92 10.45 -11.74
CA ASN A 54 -2.20 11.26 -10.77
C ASN A 54 -0.76 11.43 -11.27
N ILE A 55 -0.57 12.42 -12.13
CA ILE A 55 0.74 12.80 -12.63
C ILE A 55 1.13 14.10 -11.95
N VAL A 56 2.26 14.08 -11.24
CA VAL A 56 2.81 15.26 -10.61
C VAL A 56 4.08 15.64 -11.33
N ALA A 57 4.29 16.94 -11.51
CA ALA A 57 5.51 17.42 -12.12
C ALA A 57 6.57 17.59 -11.04
N THR A 58 7.79 17.20 -11.36
CA THR A 58 8.90 17.33 -10.43
C THR A 58 10.03 18.07 -11.16
N PRO A 59 11.06 18.54 -10.46
CA PRO A 59 12.15 19.24 -11.16
C PRO A 59 12.77 18.43 -12.30
N ARG A 60 12.81 17.10 -12.19
CA ARG A 60 13.41 16.24 -13.21
C ARG A 60 12.43 15.71 -14.24
N GLY A 61 11.12 15.87 -14.03
CA GLY A 61 10.13 15.43 -14.98
C GLY A 61 8.89 14.91 -14.29
N TYR A 62 7.97 14.34 -15.08
CA TYR A 62 6.71 13.84 -14.56
C TYR A 62 6.87 12.44 -13.98
N VAL A 63 6.07 12.15 -12.95
CA VAL A 63 5.96 10.80 -12.41
C VAL A 63 4.48 10.49 -12.18
N LEU A 64 4.13 9.25 -12.48
CA LEU A 64 2.78 8.76 -12.28
C LEU A 64 2.68 8.17 -10.87
N ALA A 65 1.73 8.66 -10.07
CA ALA A 65 1.58 8.26 -8.68
C ALA A 65 0.30 7.45 -8.47
N GLY A 66 0.26 6.76 -7.32
CA GLY A 66 -0.76 5.75 -7.06
C GLY A 66 -2.15 6.25 -6.74
N GLY A 67 -2.48 6.26 -5.45
CA GLY A 67 -3.81 6.67 -5.06
C GLY A 67 -4.89 5.76 -5.62
N LYS A 68 -6.12 6.29 -5.64
CA LYS A 68 -7.30 5.56 -6.08
C LYS A 68 -7.67 4.47 -5.07
N SER A 69 -7.46 4.75 -3.79
CA SER A 69 -7.64 3.76 -2.74
C SER A 69 -9.03 3.11 -2.81
N GLY A 70 -9.20 2.01 -2.09
CA GLY A 70 -10.46 1.30 -2.02
C GLY A 70 -10.99 1.15 -0.60
N VAL A 71 -11.11 -0.09 -0.12
CA VAL A 71 -11.76 -0.39 1.16
C VAL A 71 -10.71 -0.67 2.22
N SER A 72 -11.08 -0.37 3.47
CA SER A 72 -10.26 -0.67 4.64
C SER A 72 -11.16 -1.18 5.75
N ARG A 73 -10.67 -2.16 6.52
CA ARG A 73 -11.40 -2.67 7.66
C ARG A 73 -10.50 -2.75 8.89
N LEU A 74 -11.11 -2.62 10.06
CA LEU A 74 -10.47 -2.97 11.31
C LEU A 74 -10.73 -4.44 11.62
N VAL A 75 -9.67 -5.20 11.88
CA VAL A 75 -9.77 -6.63 12.15
C VAL A 75 -9.23 -6.89 13.55
N ALA A 76 -9.95 -7.71 14.30
CA ALA A 76 -9.54 -8.13 15.63
C ALA A 76 -8.88 -9.51 15.56
N VAL A 77 -7.70 -9.62 16.16
CA VAL A 77 -6.92 -10.86 16.08
C VAL A 77 -6.19 -11.06 17.40
N LYS A 78 -5.61 -12.25 17.53
CA LYS A 78 -4.74 -12.58 18.65
C LYS A 78 -3.73 -13.59 18.15
N HIS A 79 -2.47 -13.40 18.53
CA HIS A 79 -1.43 -14.37 18.24
C HIS A 79 -0.17 -13.95 18.98
N ALA A 80 0.79 -14.85 19.03
CA ALA A 80 2.00 -14.62 19.79
C ALA A 80 3.00 -13.81 18.98
N PRO A 81 4.09 -13.37 19.61
CA PRO A 81 5.11 -12.61 18.85
C PRO A 81 5.66 -13.37 17.65
N GLU A 82 5.84 -14.70 17.78
CA GLU A 82 6.43 -15.47 16.69
C GLU A 82 5.47 -15.70 15.53
N GLU A 83 4.19 -15.38 15.67
CA GLU A 83 3.24 -15.59 14.59
C GLU A 83 3.05 -14.34 13.73
N ILE A 84 3.92 -13.33 13.87
CA ILE A 84 3.72 -12.11 13.11
C ILE A 84 3.94 -12.36 11.62
N LYS A 85 4.97 -13.13 11.26
CA LYS A 85 5.26 -13.39 9.84
C LYS A 85 4.10 -14.13 9.16
N GLU A 86 3.60 -15.20 9.79
CA GLU A 86 2.49 -15.95 9.18
C GLU A 86 1.33 -15.02 8.87
N GLU A 87 0.99 -14.15 9.83
CA GLU A 87 -0.15 -13.25 9.68
C GLU A 87 0.09 -12.23 8.58
N LEU A 88 1.22 -11.54 8.61
CA LEU A 88 1.50 -10.53 7.59
C LEU A 88 1.55 -11.14 6.20
N LEU A 89 2.33 -12.21 6.02
CA LEU A 89 2.38 -12.87 4.72
C LEU A 89 0.99 -13.32 4.27
N CYS A 90 0.16 -13.71 5.23
CA CYS A 90 -1.21 -14.09 4.93
C CYS A 90 -1.98 -12.94 4.28
N VAL A 91 -1.89 -11.74 4.86
CA VAL A 91 -2.68 -10.62 4.37
C VAL A 91 -2.18 -10.16 3.01
N VAL A 92 -0.86 -10.03 2.87
CA VAL A 92 -0.31 -9.46 1.66
C VAL A 92 -0.50 -10.43 0.50
N ARG A 93 -0.33 -11.73 0.75
CA ARG A 93 -0.51 -12.74 -0.31
C ARG A 93 -1.95 -12.77 -0.82
N ASN A 94 -2.90 -12.27 -0.06
CA ASN A 94 -4.25 -12.09 -0.57
C ASN A 94 -4.52 -10.65 -0.97
N GLY A 95 -3.47 -9.91 -1.31
CA GLY A 95 -3.62 -8.57 -1.86
C GLY A 95 -4.18 -7.54 -0.90
N GLY A 96 -3.83 -7.65 0.38
CA GLY A 96 -4.11 -6.61 1.34
C GLY A 96 -2.83 -5.90 1.73
N ARG A 97 -2.99 -4.83 2.50
CA ARG A 97 -1.87 -4.06 3.07
C ARG A 97 -2.13 -3.94 4.56
N ILE A 98 -1.13 -4.25 5.38
CA ILE A 98 -1.29 -4.11 6.83
C ILE A 98 -0.89 -2.69 7.18
N VAL A 99 -1.89 -1.86 7.46
CA VAL A 99 -1.68 -0.45 7.72
C VAL A 99 -1.01 -0.23 9.07
N ASP A 100 -1.52 -0.87 10.13
CA ASP A 100 -0.98 -0.59 11.45
C ASP A 100 -1.42 -1.66 12.43
N VAL A 101 -1.00 -1.49 13.68
CA VAL A 101 -1.44 -2.34 14.77
C VAL A 101 -1.91 -1.42 15.87
N ILE A 102 -3.00 -1.79 16.52
CA ILE A 102 -3.60 -1.00 17.58
C ILE A 102 -3.84 -1.93 18.76
N VAL A 103 -3.25 -1.61 19.88
CA VAL A 103 -3.52 -2.33 21.11
C VAL A 103 -4.37 -1.46 22.02
N GLU A 104 -5.31 -2.08 22.71
CA GLU A 104 -6.17 -1.38 23.65
CA GLU A 104 -6.18 -1.39 23.66
C GLU A 104 -5.54 -1.58 25.03
N HIS A 105 -4.79 -0.62 25.46
CA HIS A 105 -4.05 -0.79 26.70
C HIS A 105 -4.93 -0.40 27.89
N PRO A 106 -5.09 -1.27 28.87
CA PRO A 106 -6.00 -0.96 29.99
C PRO A 106 -5.69 0.36 30.68
N VAL A 107 -4.41 0.69 30.87
CA VAL A 107 -4.04 1.97 31.48
C VAL A 107 -4.08 3.08 30.44
N TYR A 108 -3.31 2.93 29.38
CA TYR A 108 -3.08 4.02 28.43
C TYR A 108 -4.16 4.13 27.35
N GLY A 109 -5.05 3.16 27.24
CA GLY A 109 -5.99 3.18 26.15
C GLY A 109 -5.36 2.73 24.85
N GLU A 110 -5.63 3.45 23.78
CA GLU A 110 -5.41 2.92 22.46
C GLU A 110 -4.04 3.36 21.95
N ILE A 111 -3.16 2.38 21.74
CA ILE A 111 -1.77 2.59 21.38
C ILE A 111 -1.54 2.01 19.98
N ARG A 112 -1.00 2.83 19.09
CA ARG A 112 -0.97 2.54 17.67
C ARG A 112 0.47 2.43 17.17
N GLY A 113 0.73 1.45 16.31
CA GLY A 113 2.03 1.31 15.66
C GLY A 113 1.87 1.24 14.15
N ILE A 114 2.68 2.00 13.44
CA ILE A 114 2.67 2.04 11.98
C ILE A 114 3.34 0.79 11.45
N ILE A 115 2.71 0.15 10.46
CA ILE A 115 3.23 -1.06 9.83
C ILE A 115 3.42 -0.82 8.34
N ASP A 116 2.36 -0.42 7.63
CA ASP A 116 2.42 -0.14 6.18
C ASP A 116 3.24 -1.21 5.42
N VAL A 117 2.79 -2.45 5.55
CA VAL A 117 3.45 -3.58 4.91
C VAL A 117 2.56 -4.07 3.79
N SER A 118 3.02 -3.96 2.55
CA SER A 118 2.19 -4.25 1.38
C SER A 118 2.75 -5.34 0.47
N SER A 119 3.94 -5.86 0.75
CA SER A 119 4.61 -6.80 -0.13
C SER A 119 5.39 -7.78 0.73
N GLU A 120 5.90 -8.84 0.10
CA GLU A 120 6.64 -9.84 0.84
C GLU A 120 7.94 -9.25 1.38
N GLU A 121 8.70 -8.61 0.51
CA GLU A 121 9.96 -8.01 0.92
C GLU A 121 9.74 -7.17 2.17
N GLU A 122 8.67 -6.36 2.18
CA GLU A 122 8.39 -5.52 3.33
C GLU A 122 8.00 -6.34 4.56
N VAL A 123 7.36 -7.51 4.37
CA VAL A 123 7.07 -8.37 5.52
C VAL A 123 8.38 -8.86 6.15
N LEU A 124 9.36 -9.20 5.32
CA LEU A 124 10.61 -9.74 5.83
C LEU A 124 11.50 -8.66 6.44
N LYS A 125 11.56 -7.49 5.80
CA LYS A 125 12.25 -6.37 6.43
C LYS A 125 11.70 -6.17 7.84
N PHE A 126 10.37 -6.22 7.97
CA PHE A 126 9.68 -5.91 9.23
C PHE A 126 9.93 -7.00 10.27
N VAL A 127 9.83 -8.27 9.88
CA VAL A 127 9.99 -9.34 10.86
C VAL A 127 11.43 -9.34 11.36
N ASN A 128 12.39 -9.11 10.46
CA ASN A 128 13.78 -8.99 10.86
C ASN A 128 13.99 -7.93 11.93
N LEU A 129 13.51 -6.71 11.68
CA LEU A 129 13.64 -5.65 12.68
C LEU A 129 13.07 -6.10 14.02
N MET A 130 11.85 -6.63 13.99
CA MET A 130 11.15 -7.00 15.21
C MET A 130 11.86 -8.15 15.92
N GLU A 131 12.42 -9.07 15.19
CA GLU A 131 13.08 -10.16 15.92
C GLU A 131 14.34 -9.75 16.55
N MET A 132 14.76 -8.48 16.60
CA MET A 132 16.06 -8.12 17.16
C MET A 132 15.98 -8.18 18.69
N ALA A 133 16.99 -7.58 19.33
CA ALA A 133 17.06 -7.43 20.78
C ALA A 133 16.34 -6.16 21.23
N LYS A 134 15.77 -6.24 22.43
CA LYS A 134 15.11 -5.10 23.07
C LYS A 134 14.11 -4.44 22.13
N THR A 135 13.51 -5.22 21.23
CA THR A 135 12.39 -4.78 20.43
C THR A 135 11.30 -5.83 20.54
N GLU A 136 10.13 -5.42 21.03
CA GLU A 136 9.00 -6.28 21.32
C GLU A 136 7.74 -5.75 20.66
N PRO A 137 6.89 -6.62 20.12
CA PRO A 137 5.68 -6.15 19.43
C PRO A 137 4.66 -5.60 20.42
N LEU A 138 3.77 -4.74 19.92
CA LEU A 138 2.78 -4.13 20.80
C LEU A 138 1.91 -5.19 21.48
N LEU A 139 1.59 -6.30 20.80
CA LEU A 139 0.72 -7.31 21.39
C LEU A 139 1.24 -7.81 22.74
N THR A 140 2.50 -7.52 23.09
CA THR A 140 3.01 -7.97 24.38
C THR A 140 2.48 -7.13 25.53
N LEU A 141 1.98 -5.94 25.24
CA LEU A 141 1.30 -5.13 26.25
C LEU A 141 -0.10 -5.65 26.50
N SER A 142 -0.65 -6.37 25.52
CA SER A 142 -2.07 -6.60 25.38
C SER A 142 -2.43 -8.07 25.60
N GLY A 143 -1.51 -8.85 26.18
CA GLY A 143 -1.76 -10.27 26.32
C GLY A 143 -2.07 -10.97 25.02
N GLY A 144 -1.62 -10.42 23.89
CA GLY A 144 -1.76 -11.06 22.59
C GLY A 144 -2.83 -10.45 21.71
N VAL A 145 -3.98 -10.11 22.28
CA VAL A 145 -5.08 -9.63 21.47
C VAL A 145 -4.79 -8.20 21.02
N HIS A 146 -5.10 -7.92 19.77
CA HIS A 146 -4.84 -6.59 19.23
C HIS A 146 -5.63 -6.44 17.95
N LEU A 147 -5.53 -5.25 17.35
CA LEU A 147 -6.25 -4.92 16.14
C LEU A 147 -5.27 -4.63 15.02
N HIS A 148 -5.72 -4.83 13.79
CA HIS A 148 -4.99 -4.35 12.63
C HIS A 148 -5.95 -3.58 11.74
N THR A 149 -5.45 -2.55 11.09
CA THR A 149 -6.17 -1.89 10.01
C THR A 149 -5.66 -2.47 8.71
N ILE A 150 -6.56 -3.13 7.97
CA ILE A 150 -6.26 -3.79 6.71
C ILE A 150 -6.88 -3.00 5.58
N GLU A 151 -6.13 -2.81 4.51
CA GLU A 151 -6.64 -2.17 3.31
C GLU A 151 -6.60 -3.15 2.15
N ALA A 152 -7.54 -3.01 1.23
CA ALA A 152 -7.59 -3.90 0.08
C ALA A 152 -8.31 -3.18 -1.06
N PRO A 153 -8.15 -3.67 -2.29
CA PRO A 153 -8.83 -3.01 -3.43
C PRO A 153 -10.33 -2.98 -3.31
N ASP A 154 -10.96 -4.09 -2.92
CA ASP A 154 -12.40 -4.21 -2.93
C ASP A 154 -12.88 -4.90 -1.66
N GLU A 155 -14.21 -4.88 -1.46
CA GLU A 155 -14.79 -5.60 -0.33
C GLU A 155 -14.64 -7.10 -0.50
N GLU A 156 -14.63 -7.59 -1.74
CA GLU A 156 -14.39 -9.02 -1.97
C GLU A 156 -13.03 -9.45 -1.48
N THR A 157 -11.98 -8.69 -1.81
CA THR A 157 -10.64 -9.02 -1.37
C THR A 157 -10.54 -9.03 0.15
N MET A 158 -11.21 -8.09 0.81
CA MET A 158 -11.23 -8.07 2.28
C MET A 158 -11.82 -9.36 2.85
N GLU A 159 -13.02 -9.73 2.40
CA GLU A 159 -13.60 -11.00 2.81
C GLU A 159 -12.61 -12.14 2.56
N ARG A 160 -12.14 -12.24 1.31
CA ARG A 160 -11.04 -13.12 0.94
C ARG A 160 -9.94 -13.15 2.01
N ILE A 161 -9.47 -11.96 2.41
CA ILE A 161 -8.42 -11.89 3.43
C ILE A 161 -8.94 -12.37 4.78
N MET A 162 -10.15 -11.97 5.13
CA MET A 162 -10.72 -12.38 6.42
C MET A 162 -10.94 -13.88 6.46
N ARG A 163 -11.42 -14.47 5.35
CA ARG A 163 -11.51 -15.92 5.29
C ARG A 163 -10.18 -16.56 5.67
N GLU A 164 -9.09 -16.11 5.04
CA GLU A 164 -7.80 -16.74 5.29
C GLU A 164 -7.36 -16.55 6.74
N LEU A 165 -7.51 -15.32 7.26
CA LEU A 165 -7.21 -15.06 8.66
C LEU A 165 -8.03 -15.94 9.60
N LYS A 166 -9.29 -16.19 9.27
CA LYS A 166 -10.11 -17.00 10.16
C LYS A 166 -9.69 -18.46 10.12
N LYS A 167 -9.52 -19.03 8.92
CA LYS A 167 -9.21 -20.45 8.88
C LYS A 167 -7.80 -20.75 9.39
N LYS A 168 -6.88 -19.77 9.32
CA LYS A 168 -5.61 -19.90 10.03
C LYS A 168 -5.77 -19.77 11.55
N GLY A 169 -6.90 -19.27 12.04
CA GLY A 169 -7.11 -19.19 13.48
C GLY A 169 -6.62 -17.91 14.12
N PHE A 170 -6.64 -16.80 13.39
CA PHE A 170 -6.19 -15.52 13.93
C PHE A 170 -7.32 -14.61 14.36
N LEU A 171 -8.54 -14.85 13.90
CA LEU A 171 -9.62 -13.92 14.14
C LEU A 171 -10.17 -14.05 15.54
N ILE A 172 -10.53 -12.91 16.10
CA ILE A 172 -11.37 -12.85 17.29
C ILE A 172 -12.81 -12.90 16.80
N GLU A 173 -13.51 -13.98 17.12
CA GLU A 173 -14.86 -14.16 16.63
C GLU A 173 -15.81 -14.46 17.78
#